data_2WJ5
#
_entry.id   2WJ5
#
_cell.length_a   105.479
_cell.length_b   37.964
_cell.length_c   28.081
_cell.angle_alpha   90.00
_cell.angle_beta   91.55
_cell.angle_gamma   90.00
#
_symmetry.space_group_name_H-M   'C 1 2 1'
#
loop_
_entity.id
_entity.type
_entity.pdbx_description
1 polymer 'HEAT SHOCK PROTEIN BETA-6'
2 water water
#
_entity_poly.entity_id   1
_entity_poly.type   'polypeptide(L)'
_entity_poly.pdbx_seq_one_letter_code
;GAMAQVPTDPGYFSVLLDVKHFSPEEISVKVVGDHVEVHARHEERPDEHGFIAREFHRRYRLPPGVDPAAVTSALSPEGV
LSIQATPASAQASLPSPPAAK
;
_entity_poly.pdbx_strand_id   A
#
# COMPACT_ATOMS: atom_id res chain seq x y z
N GLY A 1 -2.35 -5.96 -37.53
CA GLY A 1 -3.51 -6.12 -36.64
C GLY A 1 -3.49 -4.95 -35.70
N ALA A 2 -4.66 -4.66 -35.11
CA ALA A 2 -4.74 -3.57 -34.21
C ALA A 2 -3.97 -3.83 -32.94
N MET A 3 -3.61 -2.77 -32.29
N MET A 3 -3.32 -2.82 -32.38
CA MET A 3 -3.08 -2.89 -30.96
CA MET A 3 -2.76 -2.97 -31.02
C MET A 3 -4.11 -3.44 -30.00
C MET A 3 -3.90 -3.38 -30.06
N ALA A 4 -3.64 -4.30 -29.12
CA ALA A 4 -4.52 -4.86 -28.15
C ALA A 4 -3.96 -4.72 -26.73
N GLN A 5 -4.86 -4.63 -25.77
CA GLN A 5 -4.45 -4.74 -24.37
C GLN A 5 -4.09 -6.19 -24.03
N VAL A 6 -2.97 -6.39 -23.37
CA VAL A 6 -2.56 -7.74 -22.96
C VAL A 6 -3.29 -8.05 -21.62
N PRO A 7 -4.03 -9.15 -21.54
CA PRO A 7 -4.76 -9.43 -20.33
C PRO A 7 -3.82 -9.83 -19.20
N THR A 8 -4.28 -9.57 -17.98
CA THR A 8 -3.51 -9.97 -16.77
C THR A 8 -4.20 -11.12 -16.11
N ASP A 9 -3.44 -12.15 -15.73
CA ASP A 9 -4.02 -13.24 -14.99
C ASP A 9 -4.49 -12.74 -13.63
N PRO A 10 -5.54 -13.36 -13.10
CA PRO A 10 -6.14 -12.94 -11.84
C PRO A 10 -5.26 -13.29 -10.63
N GLY A 11 -5.58 -12.63 -9.51
CA GLY A 11 -4.98 -12.96 -8.27
C GLY A 11 -3.79 -12.13 -7.84
N TYR A 12 -3.50 -11.08 -8.57
CA TYR A 12 -2.40 -10.21 -8.27
C TYR A 12 -2.91 -8.79 -7.90
N PHE A 13 -2.05 -8.04 -7.21
CA PHE A 13 -2.33 -6.65 -6.86
C PHE A 13 -1.05 -5.88 -6.97
N SER A 14 -1.14 -4.66 -7.49
CA SER A 14 0.08 -3.82 -7.58
C SER A 14 -0.37 -2.37 -7.59
N VAL A 15 0.11 -1.53 -6.65
CA VAL A 15 -0.16 -0.12 -6.65
CA VAL A 15 -0.16 -0.08 -6.71
C VAL A 15 1.09 0.65 -6.20
N LEU A 16 1.21 1.90 -6.63
CA LEU A 16 2.28 2.77 -6.18
C LEU A 16 1.68 4.03 -5.54
N LEU A 17 2.33 4.53 -4.50
CA LEU A 17 1.93 5.79 -3.83
C LEU A 17 3.17 6.66 -3.68
N ASP A 18 2.96 7.96 -3.93
CA ASP A 18 4.01 8.97 -3.73
C ASP A 18 3.88 9.53 -2.33
N VAL A 19 4.74 9.08 -1.45
CA VAL A 19 4.77 9.49 -0.03
C VAL A 19 6.08 10.11 0.34
N LYS A 20 6.65 10.85 -0.61
CA LYS A 20 8.01 11.37 -0.37
C LYS A 20 8.17 12.30 0.74
N HIS A 21 7.10 12.95 1.21
CA HIS A 21 7.20 13.85 2.38
C HIS A 21 6.75 13.24 3.64
N PHE A 22 6.85 11.92 3.71
CA PHE A 22 6.65 11.21 4.96
C PHE A 22 7.88 10.32 5.12
N SER A 23 8.42 10.26 6.31
CA SER A 23 9.56 9.36 6.54
C SER A 23 9.12 7.94 6.67
N PRO A 24 10.07 7.03 6.60
CA PRO A 24 9.67 5.63 6.72
C PRO A 24 8.91 5.33 8.00
N GLU A 25 9.26 6.02 9.11
CA GLU A 25 8.62 5.88 10.47
CA GLU A 25 8.47 5.63 10.24
C GLU A 25 7.19 6.42 10.49
N GLU A 26 6.84 7.26 9.53
CA GLU A 26 5.57 8.00 9.54
C GLU A 26 4.53 7.28 8.71
N ILE A 27 4.88 6.14 8.10
CA ILE A 27 4.00 5.47 7.15
C ILE A 27 3.70 4.07 7.69
N SER A 28 2.44 3.63 7.59
CA SER A 28 2.15 2.26 7.92
C SER A 28 1.17 1.70 6.87
N VAL A 29 1.28 0.37 6.70
CA VAL A 29 0.43 -0.37 5.77
C VAL A 29 -0.09 -1.58 6.54
N LYS A 30 -1.37 -1.90 6.35
CA LYS A 30 -1.93 -3.08 6.97
C LYS A 30 -3.03 -3.65 6.09
N VAL A 31 -3.27 -4.95 6.25
CA VAL A 31 -4.42 -5.61 5.59
C VAL A 31 -5.51 -5.79 6.64
N VAL A 32 -6.75 -5.44 6.27
CA VAL A 32 -7.92 -5.60 7.12
C VAL A 32 -8.90 -6.40 6.25
N GLY A 33 -9.09 -7.67 6.53
CA GLY A 33 -9.97 -8.47 5.67
C GLY A 33 -9.37 -8.57 4.26
N ASP A 34 -10.18 -8.12 3.31
CA ASP A 34 -9.71 -8.08 1.91
C ASP A 34 -9.47 -6.65 1.44
N HIS A 35 -9.09 -5.74 2.36
CA HIS A 35 -8.64 -4.40 1.99
C HIS A 35 -7.24 -4.17 2.48
N VAL A 36 -6.53 -3.33 1.80
CA VAL A 36 -5.26 -2.79 2.26
CA VAL A 36 -5.26 -2.87 2.35
C VAL A 36 -5.42 -1.36 2.63
N GLU A 37 -4.87 -0.95 3.78
CA GLU A 37 -4.96 0.42 4.25
C GLU A 37 -3.52 1.00 4.32
N VAL A 38 -3.38 2.20 3.83
CA VAL A 38 -2.14 2.94 3.96
C VAL A 38 -2.43 4.17 4.85
N HIS A 39 -1.60 4.46 5.79
CA HIS A 39 -1.76 5.67 6.59
CA HIS A 39 -1.76 5.61 6.72
C HIS A 39 -0.40 6.33 6.80
N ALA A 40 -0.41 7.65 6.75
CA ALA A 40 0.80 8.37 7.02
C ALA A 40 0.46 9.61 7.78
N ARG A 41 1.33 10.00 8.72
CA ARG A 41 1.10 11.20 9.51
CA ARG A 41 1.13 11.26 9.44
C ARG A 41 2.50 11.81 9.84
N HIS A 42 2.65 13.11 9.67
CA HIS A 42 3.84 13.86 10.05
C HIS A 42 3.40 15.02 10.94
N GLU A 43 4.06 15.17 12.11
N GLU A 43 4.15 15.25 11.99
CA GLU A 43 3.91 16.33 13.04
CA GLU A 43 3.93 16.43 12.74
C GLU A 43 5.23 16.98 13.35
C GLU A 43 5.31 16.97 13.08
N GLU A 44 5.39 18.27 13.10
CA GLU A 44 6.58 18.97 13.51
C GLU A 44 6.17 20.18 14.37
N ARG A 45 7.13 20.70 15.16
CA ARG A 45 6.89 21.85 16.03
C ARG A 45 8.09 22.78 15.85
N PRO A 46 7.86 24.01 15.35
CA PRO A 46 9.02 24.93 15.18
C PRO A 46 9.56 25.48 16.48
N ASP A 47 8.69 25.41 17.50
CA ASP A 47 8.98 25.86 18.89
C ASP A 47 7.82 25.29 19.66
N GLU A 48 7.98 25.63 20.92
N GLU A 48 7.94 25.55 20.99
CA GLU A 48 7.05 25.19 21.84
CA GLU A 48 7.00 25.06 21.93
C GLU A 48 5.69 25.76 21.54
C GLU A 48 5.69 25.93 21.74
N HIS A 49 5.59 26.90 20.79
CA HIS A 49 4.32 27.58 20.63
C HIS A 49 3.57 27.24 19.40
N GLY A 50 3.96 26.21 18.67
CA GLY A 50 3.22 25.83 17.50
C GLY A 50 3.38 24.43 17.05
N PHE A 51 2.44 23.95 16.22
N PHE A 51 2.65 24.09 16.00
CA PHE A 51 2.76 22.74 15.44
CA PHE A 51 2.37 22.73 15.66
C PHE A 51 2.19 22.86 14.05
C PHE A 51 1.92 22.69 14.16
N ILE A 52 2.63 21.91 13.31
CA ILE A 52 2.26 21.73 11.91
C ILE A 52 2.12 20.23 11.65
N ALA A 53 1.04 19.79 11.00
CA ALA A 53 0.90 18.40 10.69
C ALA A 53 0.32 18.19 9.32
N ARG A 54 0.47 16.96 8.87
N ARG A 54 0.71 17.07 8.69
CA ARG A 54 -0.13 16.51 7.62
CA ARG A 54 0.05 16.50 7.49
C ARG A 54 -0.38 15.06 7.71
C ARG A 54 -0.46 15.07 7.82
N GLU A 55 -1.49 14.62 7.12
CA GLU A 55 -2.01 13.25 7.28
CA GLU A 55 -1.81 13.20 7.15
C GLU A 55 -2.53 12.75 5.92
N PHE A 56 -2.44 11.45 5.69
CA PHE A 56 -2.94 10.83 4.49
C PHE A 56 -3.47 9.45 4.87
N HIS A 57 -4.58 9.08 4.25
N HIS A 57 -4.57 9.02 4.27
CA HIS A 57 -5.08 7.69 4.33
CA HIS A 57 -5.05 7.63 4.48
C HIS A 57 -5.53 7.26 2.95
C HIS A 57 -5.76 7.17 3.19
N ARG A 58 -5.43 5.96 2.72
CA ARG A 58 -6.12 5.39 1.56
C ARG A 58 -6.39 3.92 1.81
N ARG A 59 -7.50 3.47 1.24
CA ARG A 59 -7.88 2.05 1.32
C ARG A 59 -8.08 1.50 -0.10
N TYR A 60 -7.62 0.28 -0.30
CA TYR A 60 -7.77 -0.43 -1.61
C TYR A 60 -8.46 -1.76 -1.34
N ARG A 61 -9.36 -2.17 -2.19
CA ARG A 61 -9.87 -3.56 -2.12
C ARG A 61 -8.92 -4.49 -2.89
N LEU A 62 -8.54 -5.56 -2.25
CA LEU A 62 -7.71 -6.56 -2.93
C LEU A 62 -8.57 -7.26 -3.98
N PRO A 63 -8.09 -7.45 -5.19
CA PRO A 63 -8.86 -8.15 -6.23
C PRO A 63 -9.10 -9.61 -5.84
N PRO A 64 -10.04 -10.24 -6.54
CA PRO A 64 -10.32 -11.68 -6.26
C PRO A 64 -9.08 -12.56 -6.37
N GLY A 65 -8.97 -13.53 -5.47
CA GLY A 65 -7.89 -14.53 -5.60
C GLY A 65 -6.59 -14.16 -4.93
N VAL A 66 -6.46 -12.91 -4.49
CA VAL A 66 -5.20 -12.50 -3.85
C VAL A 66 -5.12 -13.15 -2.48
N ASP A 67 -3.88 -13.57 -2.08
CA ASP A 67 -3.68 -14.07 -0.73
C ASP A 67 -3.53 -12.86 0.22
N PRO A 68 -4.46 -12.64 1.18
CA PRO A 68 -4.38 -11.44 2.01
C PRO A 68 -3.18 -11.44 2.94
N ALA A 69 -2.56 -12.62 3.17
CA ALA A 69 -1.32 -12.71 4.00
C ALA A 69 -0.09 -12.45 3.12
N ALA A 70 -0.19 -12.34 1.82
CA ALA A 70 0.96 -12.25 0.88
C ALA A 70 1.14 -10.88 0.32
N VAL A 71 0.68 -9.86 1.07
CA VAL A 71 0.83 -8.50 0.60
C VAL A 71 2.18 -8.01 1.14
N THR A 72 2.93 -7.32 0.29
CA THR A 72 4.25 -6.74 0.64
C THR A 72 4.23 -5.27 0.37
N SER A 73 5.14 -4.56 1.08
CA SER A 73 5.35 -3.15 0.87
C SER A 73 6.83 -2.85 0.75
N ALA A 74 7.18 -1.88 -0.08
CA ALA A 74 8.57 -1.52 -0.23
C ALA A 74 8.61 0.00 -0.49
N LEU A 75 9.40 0.71 0.31
CA LEU A 75 9.48 2.15 0.23
C LEU A 75 10.82 2.51 -0.34
N SER A 76 10.83 3.09 -1.51
CA SER A 76 12.05 3.39 -2.20
C SER A 76 12.77 4.55 -1.53
N PRO A 77 14.06 4.72 -1.83
CA PRO A 77 14.76 5.90 -1.34
C PRO A 77 14.24 7.22 -1.91
N GLU A 78 13.47 7.18 -2.98
CA GLU A 78 12.82 8.36 -3.53
C GLU A 78 11.38 8.56 -3.02
N GLY A 79 10.95 7.75 -2.08
CA GLY A 79 9.67 7.96 -1.40
C GLY A 79 8.47 7.47 -2.21
N VAL A 80 8.66 6.45 -3.06
CA VAL A 80 7.58 5.76 -3.70
C VAL A 80 7.33 4.48 -2.95
N LEU A 81 6.09 4.27 -2.52
CA LEU A 81 5.68 3.09 -1.79
C LEU A 81 5.02 2.13 -2.80
N SER A 82 5.67 0.98 -2.99
N SER A 82 5.50 0.88 -2.84
CA SER A 82 5.04 -0.14 -3.73
CA SER A 82 5.10 -0.06 -3.91
C SER A 82 4.37 -1.13 -2.86
C SER A 82 4.45 -1.13 -3.09
N ILE A 83 3.13 -1.40 -3.24
CA ILE A 83 2.36 -2.43 -2.49
C ILE A 83 1.95 -3.51 -3.51
N GLN A 84 2.28 -4.77 -3.23
CA GLN A 84 2.05 -5.86 -4.22
C GLN A 84 1.50 -7.06 -3.50
N ALA A 85 0.79 -7.90 -4.23
CA ALA A 85 0.30 -9.17 -3.67
C ALA A 85 0.17 -10.18 -4.78
N THR A 86 0.17 -11.45 -4.36
CA THR A 86 0.18 -12.59 -5.28
C THR A 86 -0.97 -13.52 -4.94
N PRO A 87 -1.24 -14.52 -5.81
CA PRO A 87 -2.45 -15.31 -5.64
C PRO A 87 -2.40 -16.29 -4.49
N ALA A 88 -3.51 -16.51 -3.84
CA ALA A 88 -3.59 -17.60 -2.89
C ALA A 88 -3.54 -18.95 -3.64
N SER A 89 -2.95 -19.93 -2.97
CA SER A 89 -2.93 -21.30 -3.49
CA SER A 89 -2.90 -21.29 -3.53
C SER A 89 -4.21 -22.00 -3.08
N ALA A 90 -4.57 -23.00 -3.80
CA ALA A 90 -5.78 -23.71 -3.49
C ALA A 90 -5.36 -25.12 -3.05
N GLN A 91 -5.95 -25.59 -1.98
CA GLN A 91 -5.69 -26.97 -1.46
C GLN A 91 -6.22 -27.99 -2.48
N ALA A 92 -5.44 -29.01 -2.75
CA ALA A 92 -5.87 -30.10 -3.61
C ALA A 92 -6.93 -30.99 -2.95
N SER A 93 -7.88 -31.49 -3.74
CA SER A 93 -8.80 -32.50 -3.29
C SER A 93 -8.58 -33.87 -3.92
N LEU A 94 -7.69 -33.95 -4.90
CA LEU A 94 -7.41 -35.21 -5.54
C LEU A 94 -5.95 -35.58 -5.32
N PRO A 95 -5.57 -36.90 -5.42
CA PRO A 95 -4.14 -37.23 -5.35
C PRO A 95 -3.33 -36.52 -6.46
N SER A 96 -2.06 -36.21 -6.20
CA SER A 96 -1.19 -35.49 -7.15
C SER A 96 -0.95 -36.33 -8.41
#